data_6TXP
#
_entry.id   6TXP
#
_cell.length_a   47.314
_cell.length_b   66.899
_cell.length_c   49.232
_cell.angle_alpha   90.000
_cell.angle_beta   92.263
_cell.angle_gamma   90.000
#
_symmetry.space_group_name_H-M   'P 1 21 1'
#
loop_
_entity.id
_entity.type
_entity.pdbx_description
1 polymer 'Aldo-keto reductase family 1 member B1'
2 non-polymer 'CITRIC ACID'
3 non-polymer '3-({[2-(carboxymethoxy)-4-fluorobenzoyl]amino}methyl)benzoic acid'
4 non-polymer '(2-carbamoyl-5-fluorophenoxy)acetic acid'
5 non-polymer 'NADP NICOTINAMIDE-ADENINE-DINUCLEOTIDE PHOSPHATE'
6 water water
#
_entity_poly.entity_id   1
_entity_poly.type   'polypeptide(L)'
_entity_poly.pdbx_seq_one_letter_code
;MASRILLNNGAKMPILGLGTWKSPPGQVTEAVKVAIDVGYRHIDCAHVYQNENEVGVAIQEKLREQVVKREELFIVSKLW
CTYHEKGLVKGACQKTLSDLKLDYLDLYLIHWPTGFKPGKEFFPLDESGNVVPSDTNILDTWAAMEELVDEGLVKAIGIS
NFNHLQVEMILNKPGLKYKPAVNQIECHPYLTQEKLIQYCQSKGIVVTAYSPLGSPDRPWAKPEDPSLLEDPRIKAIAAK
HNKTTAQVLIRFPMQRNLVVIPKSVTPERIAENFKVFDFELSSQDMTTLLSYNRNWRVCAALSCTSHKDYPFHEEF
;
_entity_poly.pdbx_strand_id   A
#
loop_
_chem_comp.id
_chem_comp.type
_chem_comp.name
_chem_comp.formula
2WR non-polymer '(2-carbamoyl-5-fluorophenoxy)acetic acid' 'C9 H8 F N O4'
4G7 non-polymer '3-({[2-(carboxymethoxy)-4-fluorobenzoyl]amino}methyl)benzoic acid' 'C17 H14 F N O6'
CIT non-polymer 'CITRIC ACID' 'C6 H8 O7'
NAP non-polymer 'NADP NICOTINAMIDE-ADENINE-DINUCLEOTIDE PHOSPHATE' 'C21 H28 N7 O17 P3'
#
# COMPACT_ATOMS: atom_id res chain seq x y z
N MET A 1 21.90 3.78 -4.10
CA MET A 1 21.11 2.56 -4.42
C MET A 1 20.28 2.80 -5.68
N ALA A 2 20.09 1.74 -6.48
CA ALA A 2 19.26 1.82 -7.68
C ALA A 2 17.84 2.25 -7.30
N SER A 3 17.23 3.02 -8.18
CA SER A 3 15.94 3.59 -7.84
C SER A 3 14.77 2.65 -8.06
N ARG A 4 14.91 1.58 -8.85
CA ARG A 4 13.78 0.73 -9.22
C ARG A 4 14.12 -0.74 -8.97
N ILE A 5 13.07 -1.52 -8.73
CA ILE A 5 13.15 -2.96 -8.51
C ILE A 5 12.38 -3.65 -9.64
N LEU A 6 12.92 -4.76 -10.12
CA LEU A 6 12.30 -5.51 -11.20
C LEU A 6 11.19 -6.40 -10.67
N LEU A 7 9.99 -6.25 -11.25
CA LEU A 7 8.85 -7.08 -10.93
C LEU A 7 8.79 -8.33 -11.81
N ASN A 8 8.02 -9.31 -11.35
CA ASN A 8 7.82 -10.55 -12.08
C ASN A 8 6.90 -10.41 -13.29
N ASN A 9 6.45 -9.21 -13.64
CA ASN A 9 5.83 -8.94 -14.93
C ASN A 9 6.81 -8.31 -15.92
N GLY A 10 8.08 -8.18 -15.54
CA GLY A 10 9.07 -7.59 -16.40
C GLY A 10 9.20 -6.08 -16.35
N ALA A 11 8.35 -5.38 -15.62
CA ALA A 11 8.44 -3.94 -15.46
C ALA A 11 9.23 -3.58 -14.21
N LYS A 12 9.72 -2.35 -14.19
CA LYS A 12 10.48 -1.82 -13.07
C LYS A 12 9.62 -0.86 -12.25
N MET A 13 9.73 -0.99 -10.93
CA MET A 13 8.92 -0.25 -9.99
C MET A 13 9.80 0.62 -9.12
N PRO A 14 9.55 1.94 -9.03
CA PRO A 14 10.36 2.77 -8.12
C PRO A 14 10.21 2.31 -6.68
N ILE A 15 11.34 2.16 -5.98
CA ILE A 15 11.34 1.67 -4.62
C ILE A 15 10.86 2.69 -3.61
N LEU A 16 10.78 3.97 -3.97
CA LEU A 16 10.22 4.99 -3.10
C LEU A 16 9.00 5.60 -3.79
N GLY A 17 7.87 5.59 -3.11
CA GLY A 17 6.67 6.23 -3.60
C GLY A 17 6.06 7.13 -2.52
N LEU A 18 5.10 7.94 -2.97
CA LEU A 18 4.34 8.83 -2.08
C LEU A 18 3.01 8.19 -1.69
N GLY A 19 2.78 8.05 -0.40
CA GLY A 19 1.48 7.62 0.09
C GLY A 19 0.47 8.76 0.09
N THR A 20 -0.82 8.40 -0.02
CA THR A 20 -1.90 9.38 -0.13
C THR A 20 -3.08 9.12 0.80
N TRP A 21 -3.06 8.08 1.64
CA TRP A 21 -4.13 7.90 2.61
C TRP A 21 -4.08 9.04 3.63
N LYS A 22 -5.21 9.70 3.84
CA LYS A 22 -5.42 10.80 4.80
C LYS A 22 -4.95 12.13 4.23
N SER A 23 -4.38 12.17 3.04
CA SER A 23 -3.97 13.44 2.45
C SER A 23 -5.23 14.21 2.09
N PRO A 24 -5.50 15.36 2.69
CA PRO A 24 -6.79 16.01 2.47
C PRO A 24 -6.96 16.36 1.00
N PRO A 25 -8.19 16.35 0.50
CA PRO A 25 -8.38 16.63 -0.92
C PRO A 25 -7.91 18.01 -1.32
N GLY A 26 -7.95 18.99 -0.40
CA GLY A 26 -7.48 20.34 -0.69
C GLY A 26 -5.99 20.54 -0.59
N GLN A 27 -5.26 19.49 -0.21
CA GLN A 27 -3.81 19.53 -0.08
C GLN A 27 -3.09 18.52 -0.97
N VAL A 28 -3.78 17.46 -1.43
CA VAL A 28 -3.07 16.37 -2.07
C VAL A 28 -2.66 16.72 -3.48
N THR A 29 -3.38 17.62 -4.16
CA THR A 29 -2.93 18.00 -5.50
C THR A 29 -1.54 18.65 -5.40
N GLU A 30 -1.39 19.63 -4.51
CA GLU A 30 -0.08 20.23 -4.35
CA GLU A 30 -0.09 20.25 -4.28
C GLU A 30 0.95 19.22 -3.86
N ALA A 31 0.58 18.31 -2.96
CA ALA A 31 1.55 17.34 -2.46
C ALA A 31 2.13 16.52 -3.60
N VAL A 32 1.25 16.04 -4.48
CA VAL A 32 1.70 15.20 -5.59
C VAL A 32 2.49 16.01 -6.60
N LYS A 33 2.07 17.25 -6.88
N LYS A 33 2.09 17.26 -6.85
CA LYS A 33 2.84 18.13 -7.75
CA LYS A 33 2.87 18.11 -7.76
C LYS A 33 4.26 18.32 -7.21
C LYS A 33 4.27 18.38 -7.23
N VAL A 34 4.38 18.69 -5.93
CA VAL A 34 5.69 18.87 -5.32
C VAL A 34 6.49 17.58 -5.38
N ALA A 35 5.85 16.45 -5.05
CA ALA A 35 6.54 15.17 -5.08
C ALA A 35 7.15 14.91 -6.46
N ILE A 36 6.36 15.07 -7.52
CA ILE A 36 6.90 14.84 -8.85
C ILE A 36 8.04 15.82 -9.14
N ASP A 37 7.88 17.09 -8.76
CA ASP A 37 8.94 18.07 -9.00
C ASP A 37 10.26 17.67 -8.33
N VAL A 38 10.20 17.05 -7.16
CA VAL A 38 11.40 16.74 -6.37
C VAL A 38 11.87 15.30 -6.57
N GLY A 39 11.27 14.55 -7.50
CA GLY A 39 11.81 13.30 -7.96
C GLY A 39 10.94 12.08 -7.80
N TYR A 40 9.83 12.15 -7.08
CA TYR A 40 8.99 10.96 -6.94
C TYR A 40 8.41 10.58 -8.29
N ARG A 41 8.39 9.28 -8.52
N ARG A 41 8.38 9.28 -8.58
CA ARG A 41 7.89 8.70 -9.77
CA ARG A 41 7.74 8.78 -9.79
C ARG A 41 6.90 7.59 -9.51
C ARG A 41 6.61 7.82 -9.51
N HIS A 42 6.48 7.40 -8.26
CA HIS A 42 5.55 6.36 -7.83
C HIS A 42 4.61 7.01 -6.83
N ILE A 43 3.31 6.88 -7.08
CA ILE A 43 2.26 7.39 -6.20
C ILE A 43 1.37 6.20 -5.81
N ASP A 44 1.12 6.02 -4.51
CA ASP A 44 0.25 4.97 -4.01
C ASP A 44 -1.11 5.57 -3.69
N CYS A 45 -2.16 5.01 -4.33
CA CYS A 45 -3.51 5.53 -4.31
C CYS A 45 -4.50 4.45 -3.90
N ALA A 46 -5.73 4.85 -3.63
CA ALA A 46 -6.82 3.87 -3.52
C ALA A 46 -8.16 4.59 -3.64
N HIS A 47 -9.15 3.89 -4.22
CA HIS A 47 -10.49 4.47 -4.28
C HIS A 47 -11.03 4.80 -2.90
N VAL A 48 -10.76 3.95 -1.90
CA VAL A 48 -11.32 4.16 -0.57
C VAL A 48 -10.75 5.41 0.09
N TYR A 49 -9.62 5.93 -0.39
CA TYR A 49 -9.04 7.13 0.20
C TYR A 49 -9.82 8.39 -0.17
N GLN A 50 -10.70 8.33 -1.16
CA GLN A 50 -11.65 9.39 -1.52
C GLN A 50 -10.95 10.64 -2.04
N ASN A 51 -9.73 10.51 -2.57
CA ASN A 51 -8.99 11.66 -3.08
C ASN A 51 -8.32 11.36 -4.41
N GLU A 52 -8.74 10.32 -5.14
CA GLU A 52 -8.09 10.02 -6.40
C GLU A 52 -8.34 11.10 -7.45
N ASN A 53 -9.50 11.77 -7.44
CA ASN A 53 -9.69 12.83 -8.41
C ASN A 53 -8.59 13.89 -8.28
N GLU A 54 -8.33 14.30 -7.04
CA GLU A 54 -7.36 15.35 -6.75
C GLU A 54 -5.91 14.89 -7.00
N VAL A 55 -5.61 13.62 -6.70
CA VAL A 55 -4.31 13.06 -7.10
C VAL A 55 -4.17 13.16 -8.61
N GLY A 56 -5.23 12.79 -9.32
CA GLY A 56 -5.20 12.80 -10.76
C GLY A 56 -4.98 14.18 -11.35
N VAL A 57 -5.56 15.22 -10.73
CA VAL A 57 -5.30 16.58 -11.21
C VAL A 57 -3.81 16.87 -11.25
N ALA A 58 -3.11 16.48 -10.17
CA ALA A 58 -1.67 16.71 -10.10
C ALA A 58 -0.92 15.93 -11.18
N ILE A 59 -1.22 14.65 -11.33
CA ILE A 59 -0.55 13.81 -12.32
C ILE A 59 -0.74 14.42 -13.69
N GLN A 60 -2.00 14.72 -14.03
N GLN A 60 -1.98 14.78 -14.01
CA GLN A 60 -2.30 15.23 -15.36
CA GLN A 60 -2.29 15.32 -15.32
C GLN A 60 -1.53 16.50 -15.65
C GLN A 60 -1.60 16.66 -15.57
N GLU A 61 -1.51 17.42 -14.69
N GLU A 61 -1.50 17.50 -14.53
CA GLU A 61 -0.83 18.69 -14.90
CA GLU A 61 -0.81 18.79 -14.70
C GLU A 61 0.66 18.47 -15.12
C GLU A 61 0.67 18.59 -14.97
N LYS A 62 1.30 17.62 -14.32
CA LYS A 62 2.71 17.39 -14.52
C LYS A 62 3.00 16.70 -15.86
N LEU A 63 2.10 15.82 -16.33
CA LEU A 63 2.22 15.27 -17.68
C LEU A 63 2.03 16.36 -18.72
N ARG A 64 1.02 17.22 -18.54
CA ARG A 64 0.78 18.30 -19.51
C ARG A 64 1.95 19.28 -19.55
N GLU A 65 2.53 19.61 -18.39
CA GLU A 65 3.70 20.48 -18.28
C GLU A 65 4.96 19.80 -18.84
N GLN A 66 4.93 18.49 -19.09
CA GLN A 66 6.09 17.74 -19.55
C GLN A 66 7.23 17.80 -18.52
N VAL A 67 6.84 17.81 -17.24
CA VAL A 67 7.80 17.57 -16.17
C VAL A 67 8.24 16.13 -16.19
N VAL A 68 7.32 15.23 -16.56
N VAL A 68 7.36 15.23 -16.62
CA VAL A 68 7.54 13.79 -16.65
CA VAL A 68 7.59 13.80 -16.62
C VAL A 68 6.77 13.29 -17.86
C VAL A 68 6.72 13.22 -17.73
N LYS A 69 7.15 12.11 -18.32
CA LYS A 69 6.38 11.33 -19.28
C LYS A 69 5.59 10.24 -18.55
N ARG A 70 4.47 9.82 -19.15
CA ARG A 70 3.65 8.79 -18.51
C ARG A 70 4.45 7.52 -18.24
N GLU A 71 5.32 7.14 -19.18
N GLU A 71 5.32 7.12 -19.17
CA GLU A 71 6.12 5.93 -19.05
CA GLU A 71 6.05 5.87 -18.98
C GLU A 71 6.98 5.96 -17.80
C GLU A 71 7.07 5.96 -17.85
N GLU A 72 7.38 7.16 -17.36
CA GLU A 72 8.27 7.35 -16.23
C GLU A 72 7.56 7.32 -14.90
N LEU A 73 6.23 7.36 -14.90
CA LEU A 73 5.45 7.30 -13.68
C LEU A 73 5.02 5.86 -13.43
N PHE A 74 4.82 5.56 -12.14
CA PHE A 74 4.37 4.25 -11.68
C PHE A 74 3.22 4.50 -10.71
N ILE A 75 2.00 4.38 -11.22
CA ILE A 75 0.81 4.72 -10.45
C ILE A 75 0.12 3.44 -10.00
N VAL A 76 -0.13 3.36 -8.70
CA VAL A 76 -0.70 2.20 -8.05
C VAL A 76 -2.06 2.57 -7.48
N SER A 77 -3.06 1.71 -7.67
CA SER A 77 -4.29 1.83 -6.89
C SER A 77 -4.76 0.45 -6.48
N LYS A 78 -5.93 0.42 -5.84
CA LYS A 78 -6.38 -0.76 -5.13
C LYS A 78 -7.89 -0.90 -5.26
N LEU A 79 -8.33 -2.15 -5.44
CA LEU A 79 -9.73 -2.56 -5.53
C LEU A 79 -10.30 -2.65 -4.12
N TRP A 80 -11.31 -1.85 -3.81
CA TRP A 80 -11.88 -1.85 -2.47
C TRP A 80 -12.73 -3.12 -2.24
N CYS A 81 -12.95 -3.39 -0.95
CA CYS A 81 -13.55 -4.64 -0.48
C CYS A 81 -14.97 -4.85 -0.96
N THR A 82 -15.72 -3.78 -1.24
CA THR A 82 -17.11 -3.88 -1.71
C THR A 82 -17.21 -4.12 -3.22
N TYR A 83 -16.07 -4.40 -3.88
CA TYR A 83 -16.05 -4.62 -5.32
C TYR A 83 -15.41 -5.96 -5.66
N HIS A 84 -15.41 -6.95 -4.75
N HIS A 84 -15.37 -6.89 -4.70
CA HIS A 84 -14.73 -8.20 -5.07
CA HIS A 84 -14.97 -8.27 -4.98
C HIS A 84 -15.48 -9.10 -6.05
C HIS A 84 -16.13 -9.04 -5.63
N GLU A 85 -16.78 -8.91 -6.26
N GLU A 85 -16.52 -8.61 -6.82
CA GLU A 85 -17.52 -9.72 -7.24
CA GLU A 85 -17.60 -9.29 -7.51
C GLU A 85 -17.03 -9.50 -8.69
C GLU A 85 -17.15 -9.36 -8.94
N LYS A 86 -17.20 -10.54 -9.54
CA LYS A 86 -16.80 -10.59 -10.96
C LYS A 86 -17.30 -9.41 -11.78
N GLY A 87 -18.56 -9.09 -11.64
CA GLY A 87 -19.19 -8.06 -12.43
C GLY A 87 -18.93 -6.66 -11.98
N LEU A 88 -18.19 -6.47 -10.86
CA LEU A 88 -17.89 -5.13 -10.37
C LEU A 88 -16.43 -4.73 -10.51
N VAL A 89 -15.50 -5.68 -10.72
CA VAL A 89 -14.07 -5.37 -10.70
C VAL A 89 -13.70 -4.39 -11.80
N LYS A 90 -14.16 -4.63 -13.03
CA LYS A 90 -13.75 -3.77 -14.12
C LYS A 90 -14.22 -2.34 -13.89
N GLY A 91 -15.49 -2.17 -13.49
CA GLY A 91 -16.01 -0.83 -13.26
C GLY A 91 -15.30 -0.11 -12.14
N ALA A 92 -14.91 -0.84 -11.10
CA ALA A 92 -14.15 -0.23 -10.01
C ALA A 92 -12.79 0.26 -10.51
N CYS A 93 -12.12 -0.56 -11.33
CA CYS A 93 -10.86 -0.14 -11.91
C CYS A 93 -11.04 1.07 -12.81
N GLN A 94 -12.09 1.03 -13.64
CA GLN A 94 -12.38 2.12 -14.57
CA GLN A 94 -12.32 2.15 -14.56
C GLN A 94 -12.68 3.44 -13.84
N LYS A 95 -13.38 3.37 -12.71
CA LYS A 95 -13.64 4.59 -11.94
C LYS A 95 -12.33 5.18 -11.43
N THR A 96 -11.45 4.34 -10.91
CA THR A 96 -10.13 4.79 -10.49
C THR A 96 -9.35 5.38 -11.66
N LEU A 97 -9.37 4.72 -12.83
CA LEU A 97 -8.67 5.26 -13.99
C LEU A 97 -9.23 6.62 -14.39
N SER A 98 -10.55 6.75 -14.40
CA SER A 98 -11.18 8.00 -14.78
C SER A 98 -10.83 9.12 -13.80
N ASP A 99 -10.83 8.81 -12.51
CA ASP A 99 -10.49 9.80 -11.49
C ASP A 99 -9.01 10.20 -11.57
N LEU A 100 -8.13 9.23 -11.76
CA LEU A 100 -6.71 9.54 -11.85
C LEU A 100 -6.34 10.15 -13.20
N LYS A 101 -7.30 10.09 -14.14
N LYS A 101 -7.24 10.21 -14.19
CA LYS A 101 -7.18 10.58 -15.51
CA LYS A 101 -6.95 10.80 -15.49
C LYS A 101 -6.01 9.89 -16.22
C LYS A 101 -6.09 9.89 -16.39
N LEU A 102 -6.06 8.58 -16.12
CA LEU A 102 -5.11 7.68 -16.75
C LEU A 102 -5.83 6.70 -17.67
N ASP A 103 -5.07 6.15 -18.62
N ASP A 103 -5.05 6.19 -18.61
CA ASP A 103 -5.59 5.05 -19.45
CA ASP A 103 -5.49 5.14 -19.50
C ASP A 103 -4.99 3.69 -19.09
C ASP A 103 -5.14 3.75 -18.96
N TYR A 104 -4.13 3.65 -18.08
CA TYR A 104 -3.77 2.39 -17.45
C TYR A 104 -3.17 2.69 -16.09
N LEU A 105 -3.22 1.69 -15.21
CA LEU A 105 -2.46 1.70 -13.96
C LEU A 105 -1.21 0.85 -14.14
N ASP A 106 -0.12 1.24 -13.47
CA ASP A 106 1.06 0.38 -13.45
C ASP A 106 0.86 -0.84 -12.59
N LEU A 107 0.07 -0.72 -11.52
CA LEU A 107 -0.15 -1.80 -10.59
C LEU A 107 -1.53 -1.60 -9.95
N TYR A 108 -2.31 -2.69 -9.90
CA TYR A 108 -3.61 -2.66 -9.25
C TYR A 108 -3.65 -3.80 -8.25
N LEU A 109 -3.97 -3.48 -7.01
CA LEU A 109 -3.92 -4.43 -5.90
C LEU A 109 -5.32 -4.80 -5.41
N ILE A 110 -5.52 -6.05 -5.01
CA ILE A 110 -6.65 -6.36 -4.14
C ILE A 110 -6.33 -5.76 -2.77
N HIS A 111 -7.12 -4.76 -2.34
CA HIS A 111 -6.73 -3.94 -1.18
C HIS A 111 -6.66 -4.75 0.11
N TRP A 112 -7.63 -5.63 0.32
CA TRP A 112 -7.70 -6.54 1.44
C TRP A 112 -8.25 -7.85 0.93
N PRO A 113 -7.91 -8.97 1.58
CA PRO A 113 -8.46 -10.27 1.15
C PRO A 113 -9.95 -10.42 1.48
N THR A 114 -10.48 -9.57 2.35
CA THR A 114 -11.86 -9.65 2.81
C THR A 114 -12.80 -8.91 1.86
N GLY A 115 -13.71 -9.63 1.19
CA GLY A 115 -14.76 -9.01 0.42
C GLY A 115 -15.98 -8.68 1.29
N PHE A 116 -16.60 -7.53 1.00
CA PHE A 116 -17.77 -7.05 1.71
C PHE A 116 -18.96 -6.94 0.75
N LYS A 117 -20.18 -6.94 1.31
CA LYS A 117 -21.37 -6.75 0.51
C LYS A 117 -21.30 -5.48 -0.34
N PRO A 118 -21.55 -5.56 -1.65
N PRO A 118 -21.60 -5.55 -1.64
CA PRO A 118 -21.57 -4.34 -2.48
CA PRO A 118 -21.55 -4.34 -2.47
C PRO A 118 -22.64 -3.35 -2.05
C PRO A 118 -22.68 -3.36 -2.15
N GLY A 119 -22.40 -2.09 -2.38
CA GLY A 119 -23.34 -1.04 -2.08
C GLY A 119 -22.57 0.27 -1.90
N LYS A 120 -23.31 1.31 -1.51
N LYS A 120 -23.30 1.30 -1.47
CA LYS A 120 -22.72 2.63 -1.33
CA LYS A 120 -22.67 2.61 -1.37
C LYS A 120 -21.66 2.61 -0.23
C LYS A 120 -21.71 2.70 -0.19
N GLU A 121 -21.97 1.97 0.88
CA GLU A 121 -21.14 2.02 2.08
CA GLU A 121 -21.14 2.02 2.08
C GLU A 121 -19.87 1.21 1.90
N PHE A 122 -18.74 1.80 2.25
CA PHE A 122 -17.46 1.10 2.16
C PHE A 122 -17.30 0.02 3.22
N PHE A 123 -17.98 0.17 4.37
CA PHE A 123 -18.00 -0.82 5.43
C PHE A 123 -19.47 -1.11 5.78
N PRO A 124 -20.17 -1.91 4.94
N PRO A 124 -20.05 -2.15 5.20
CA PRO A 124 -21.57 -2.24 5.25
CA PRO A 124 -21.32 -2.62 5.78
C PRO A 124 -21.64 -3.06 6.53
C PRO A 124 -21.05 -3.38 7.08
N LEU A 125 -22.53 -2.68 7.44
N LEU A 125 -21.64 -2.92 8.20
CA LEU A 125 -22.58 -3.30 8.76
CA LEU A 125 -21.48 -3.56 9.51
C LEU A 125 -23.93 -3.94 8.99
C LEU A 125 -22.80 -4.10 10.06
N ASP A 126 -23.92 -5.01 9.80
N ASP A 126 -22.74 -5.13 10.91
CA ASP A 126 -25.17 -5.49 10.38
CA ASP A 126 -23.92 -5.66 11.61
C ASP A 126 -25.52 -4.66 11.61
C ASP A 126 -23.90 -5.27 13.09
N GLU A 127 -26.68 -4.93 12.22
N GLU A 127 -24.88 -5.80 13.85
CA GLU A 127 -27.15 -4.07 13.31
CA GLU A 127 -25.10 -5.34 15.22
C GLU A 127 -26.26 -4.16 14.54
C GLU A 127 -24.04 -5.81 16.20
N SER A 128 -25.37 -5.15 14.63
N SER A 128 -23.19 -6.76 15.81
CA SER A 128 -24.42 -5.27 15.73
CA SER A 128 -22.05 -7.14 16.62
C SER A 128 -23.01 -4.80 15.38
C SER A 128 -20.81 -6.31 16.30
N GLY A 129 -22.81 -4.20 14.22
N GLY A 129 -20.91 -5.37 15.37
CA GLY A 129 -21.52 -3.63 13.86
CA GLY A 129 -19.76 -4.60 14.98
C GLY A 129 -20.53 -4.55 13.20
C GLY A 129 -18.88 -5.26 13.95
N ASN A 130 -20.91 -5.81 12.92
N ASN A 130 -19.29 -6.39 13.39
CA ASN A 130 -20.04 -6.66 12.14
CA ASN A 130 -18.57 -7.07 12.33
C ASN A 130 -20.14 -6.29 10.68
C ASN A 130 -19.16 -6.69 10.96
N VAL A 131 -19.00 -6.32 9.99
N VAL A 131 -18.35 -6.75 9.90
CA VAL A 131 -19.03 -6.09 8.56
CA VAL A 131 -18.76 -6.32 8.55
C VAL A 131 -19.75 -7.25 7.89
C VAL A 131 -19.82 -7.27 7.97
N VAL A 132 -20.52 -6.90 6.88
CA VAL A 132 -21.33 -7.87 6.14
C VAL A 132 -20.45 -8.41 5.02
N PRO A 133 -20.07 -9.70 5.04
CA PRO A 133 -19.18 -10.23 4.01
C PRO A 133 -19.88 -10.40 2.68
N SER A 134 -19.05 -10.46 1.63
N SER A 134 -19.09 -10.59 1.65
CA SER A 134 -19.37 -11.08 0.34
CA SER A 134 -19.61 -11.14 0.43
C SER A 134 -18.96 -12.55 0.39
C SER A 134 -19.12 -12.57 0.28
N ASP A 135 -19.67 -13.38 -0.37
N ASP A 135 -19.96 -13.38 -0.37
CA ASP A 135 -19.27 -14.78 -0.55
CA ASP A 135 -19.63 -14.76 -0.67
C ASP A 135 -18.29 -15.00 -1.69
C ASP A 135 -18.64 -14.86 -1.84
N THR A 136 -17.85 -13.97 -2.42
N THR A 136 -17.59 -14.05 -1.80
CA THR A 136 -16.93 -14.18 -3.51
CA THR A 136 -16.56 -14.09 -2.81
C THR A 136 -15.53 -14.49 -2.98
C THR A 136 -15.30 -14.67 -2.19
N ASN A 137 -14.95 -15.60 -3.40
N ASN A 137 -14.51 -15.33 -3.00
CA ASN A 137 -13.68 -15.97 -2.80
CA ASN A 137 -13.26 -15.86 -2.52
C ASN A 137 -12.47 -15.31 -3.49
C ASN A 137 -12.13 -15.19 -3.26
N ILE A 138 -11.34 -15.37 -2.76
N ILE A 138 -10.93 -15.32 -2.71
CA ILE A 138 -10.08 -14.75 -3.19
CA ILE A 138 -9.85 -14.56 -3.30
C ILE A 138 -9.75 -15.11 -4.64
C ILE A 138 -9.46 -15.15 -4.66
N LEU A 139 -9.84 -16.40 -4.95
CA LEU A 139 -9.42 -16.91 -6.25
C LEU A 139 -10.25 -16.37 -7.39
N ASP A 140 -11.56 -16.25 -7.19
CA ASP A 140 -12.40 -15.66 -8.22
C ASP A 140 -12.08 -14.18 -8.39
N THR A 141 -11.84 -13.47 -7.29
CA THR A 141 -11.41 -12.08 -7.42
C THR A 141 -10.10 -11.98 -8.18
N TRP A 142 -9.18 -12.91 -7.93
CA TRP A 142 -7.91 -12.90 -8.67
C TRP A 142 -8.13 -13.09 -10.17
N ALA A 143 -9.03 -14.01 -10.55
CA ALA A 143 -9.30 -14.20 -11.97
C ALA A 143 -9.81 -12.92 -12.60
N ALA A 144 -10.64 -12.17 -11.86
CA ALA A 144 -11.13 -10.89 -12.36
C ALA A 144 -10.00 -9.88 -12.52
N MET A 145 -9.02 -9.90 -11.61
CA MET A 145 -7.84 -9.04 -11.75
C MET A 145 -7.03 -9.42 -12.98
N GLU A 146 -6.88 -10.71 -13.25
CA GLU A 146 -6.14 -11.16 -14.43
C GLU A 146 -6.78 -10.61 -15.71
N GLU A 147 -8.12 -10.56 -15.75
N GLU A 147 -8.11 -10.53 -15.73
CA GLU A 147 -8.80 -10.01 -16.91
CA GLU A 147 -8.78 -10.02 -16.93
C GLU A 147 -8.35 -8.58 -17.18
C GLU A 147 -8.44 -8.56 -17.18
N LEU A 148 -8.14 -7.79 -16.13
CA LEU A 148 -7.76 -6.39 -16.31
C LEU A 148 -6.43 -6.26 -17.04
N VAL A 149 -5.49 -7.17 -16.76
CA VAL A 149 -4.24 -7.21 -17.51
C VAL A 149 -4.53 -7.47 -18.97
N ASP A 150 -5.37 -8.48 -19.22
CA ASP A 150 -5.65 -8.90 -20.59
C ASP A 150 -6.49 -7.88 -21.36
N GLU A 151 -7.11 -6.91 -20.71
CA GLU A 151 -7.86 -5.85 -21.34
C GLU A 151 -7.06 -4.55 -21.44
N GLY A 152 -5.84 -4.53 -20.93
CA GLY A 152 -4.98 -3.37 -21.05
C GLY A 152 -5.22 -2.28 -20.03
N LEU A 153 -6.07 -2.53 -19.03
CA LEU A 153 -6.35 -1.50 -18.03
C LEU A 153 -5.22 -1.35 -17.01
N VAL A 154 -4.49 -2.44 -16.76
CA VAL A 154 -3.43 -2.44 -15.76
C VAL A 154 -2.25 -3.22 -16.31
N LYS A 155 -1.02 -2.79 -15.96
CA LYS A 155 0.17 -3.49 -16.40
C LYS A 155 0.59 -4.60 -15.46
N ALA A 156 0.23 -4.51 -14.19
CA ALA A 156 0.57 -5.51 -13.19
C ALA A 156 -0.57 -5.58 -12.19
N ILE A 157 -0.73 -6.75 -11.59
CA ILE A 157 -1.69 -6.97 -10.53
C ILE A 157 -0.97 -7.53 -9.31
N GLY A 158 -1.55 -7.25 -8.14
CA GLY A 158 -1.02 -7.76 -6.91
C GLY A 158 -2.06 -7.74 -5.80
N ILE A 159 -1.56 -7.91 -4.58
CA ILE A 159 -2.38 -8.12 -3.40
C ILE A 159 -1.86 -7.24 -2.27
N SER A 160 -2.69 -7.09 -1.23
CA SER A 160 -2.32 -6.28 -0.08
C SER A 160 -2.98 -6.85 1.15
N ASN A 161 -2.22 -6.90 2.25
CA ASN A 161 -2.74 -7.44 3.50
C ASN A 161 -3.09 -8.91 3.40
N PHE A 162 -2.40 -9.65 2.51
CA PHE A 162 -2.57 -11.09 2.44
C PHE A 162 -1.54 -11.77 3.32
N ASN A 163 -1.98 -12.73 4.12
CA ASN A 163 -1.08 -13.54 4.92
C ASN A 163 -0.45 -14.62 4.04
N HIS A 164 0.53 -15.35 4.58
CA HIS A 164 1.26 -16.24 3.69
C HIS A 164 0.39 -17.36 3.14
N LEU A 165 -0.59 -17.85 3.91
CA LEU A 165 -1.46 -18.89 3.38
C LEU A 165 -2.36 -18.35 2.28
N GLN A 166 -2.74 -17.07 2.37
CA GLN A 166 -3.57 -16.46 1.34
C GLN A 166 -2.75 -16.20 0.07
N VAL A 167 -1.50 -15.77 0.21
CA VAL A 167 -0.60 -15.69 -0.94
C VAL A 167 -0.47 -17.06 -1.58
N GLU A 168 -0.21 -18.08 -0.76
CA GLU A 168 -0.06 -19.44 -1.25
C GLU A 168 -1.30 -19.91 -1.99
N MET A 169 -2.49 -19.55 -1.50
N MET A 169 -2.50 -19.53 -1.50
CA MET A 169 -3.71 -19.93 -2.20
CA MET A 169 -3.73 -19.92 -2.17
C MET A 169 -3.72 -19.42 -3.63
C MET A 169 -3.77 -19.39 -3.60
N ILE A 170 -3.31 -18.15 -3.82
CA ILE A 170 -3.21 -17.58 -5.16
CA ILE A 170 -3.26 -17.66 -5.18
C ILE A 170 -2.18 -18.36 -5.98
N LEU A 171 -0.99 -18.53 -5.40
CA LEU A 171 0.07 -19.21 -6.13
C LEU A 171 -0.32 -20.62 -6.55
N ASN A 172 -1.17 -21.28 -5.76
CA ASN A 172 -1.65 -22.62 -6.04
C ASN A 172 -2.98 -22.64 -6.81
N LYS A 173 -3.47 -21.48 -7.25
CA LYS A 173 -4.77 -21.40 -7.91
C LYS A 173 -4.78 -22.27 -9.16
N PRO A 174 -5.76 -23.16 -9.33
CA PRO A 174 -5.88 -23.88 -10.60
C PRO A 174 -6.00 -22.91 -11.76
N GLY A 175 -5.15 -23.11 -12.76
CA GLY A 175 -5.22 -22.27 -13.93
C GLY A 175 -4.65 -20.87 -13.78
N LEU A 176 -3.87 -20.63 -12.73
CA LEU A 176 -3.29 -19.31 -12.51
C LEU A 176 -2.64 -18.81 -13.78
N LYS A 177 -2.98 -17.57 -14.16
CA LYS A 177 -2.45 -16.97 -15.36
C LYS A 177 -1.32 -15.98 -15.11
N TYR A 178 -1.49 -15.12 -14.11
CA TYR A 178 -0.46 -14.16 -13.70
C TYR A 178 -0.25 -14.27 -12.20
N LYS A 179 1.00 -14.44 -11.79
CA LYS A 179 1.32 -14.39 -10.37
C LYS A 179 1.13 -12.97 -9.86
N PRO A 180 0.85 -12.81 -8.57
N PRO A 180 0.80 -12.81 -8.58
CA PRO A 180 0.85 -11.45 -8.01
CA PRO A 180 0.89 -11.48 -7.97
C PRO A 180 2.26 -10.88 -8.05
C PRO A 180 2.30 -10.91 -8.16
N ALA A 181 2.36 -9.62 -8.50
CA ALA A 181 3.65 -8.96 -8.62
C ALA A 181 4.15 -8.42 -7.29
N VAL A 182 3.22 -8.02 -6.43
CA VAL A 182 3.48 -7.30 -5.20
C VAL A 182 2.50 -7.78 -4.14
N ASN A 183 2.97 -7.83 -2.89
CA ASN A 183 2.12 -7.87 -1.69
C ASN A 183 2.48 -6.64 -0.86
N GLN A 184 1.52 -5.74 -0.70
CA GLN A 184 1.72 -4.50 0.07
C GLN A 184 1.21 -4.74 1.48
N ILE A 185 2.10 -4.60 2.46
CA ILE A 185 1.80 -4.95 3.85
C ILE A 185 2.37 -3.88 4.77
N GLU A 186 1.81 -3.80 5.98
CA GLU A 186 2.35 -2.92 6.98
C GLU A 186 3.75 -3.38 7.38
N CYS A 187 4.72 -2.47 7.46
CA CYS A 187 6.06 -2.92 7.85
C CYS A 187 6.87 -1.74 8.33
N HIS A 188 7.46 -1.89 9.50
CA HIS A 188 8.25 -0.83 10.16
C HIS A 188 9.00 -1.50 11.31
N PRO A 189 9.86 -0.78 12.04
CA PRO A 189 10.63 -1.48 13.10
C PRO A 189 9.82 -2.09 14.21
N TYR A 190 8.56 -1.71 14.41
CA TYR A 190 7.75 -2.34 15.44
C TYR A 190 6.92 -3.50 14.92
N LEU A 191 6.93 -3.73 13.61
CA LEU A 191 6.22 -4.83 12.94
C LEU A 191 7.08 -5.21 11.73
N THR A 192 8.12 -6.00 11.99
CA THR A 192 9.19 -6.19 11.02
C THR A 192 8.89 -7.24 9.97
N GLN A 193 7.93 -8.13 10.21
CA GLN A 193 7.39 -8.97 9.14
C GLN A 193 8.41 -9.94 8.53
N GLU A 194 9.39 -10.42 9.29
N GLU A 194 9.34 -10.44 9.34
CA GLU A 194 10.42 -11.26 8.67
CA GLU A 194 10.43 -11.22 8.77
C GLU A 194 9.82 -12.46 7.97
C GLU A 194 9.94 -12.50 8.08
N LYS A 195 8.94 -13.18 8.66
CA LYS A 195 8.44 -14.44 8.08
C LYS A 195 7.67 -14.18 6.78
N LEU A 196 6.75 -13.22 6.77
CA LEU A 196 5.97 -13.00 5.55
C LEU A 196 6.84 -12.46 4.43
N ILE A 197 7.79 -11.58 4.75
CA ILE A 197 8.67 -11.03 3.73
C ILE A 197 9.51 -12.14 3.11
N GLN A 198 10.08 -13.03 3.92
CA GLN A 198 10.89 -14.10 3.35
C GLN A 198 10.03 -14.99 2.46
N TYR A 199 8.81 -15.31 2.89
CA TYR A 199 7.96 -16.13 2.05
C TYR A 199 7.73 -15.46 0.70
N CYS A 200 7.31 -14.19 0.71
CA CYS A 200 6.98 -13.51 -0.54
C CYS A 200 8.21 -13.40 -1.43
N GLN A 201 9.33 -12.97 -0.85
CA GLN A 201 10.55 -12.81 -1.65
C GLN A 201 10.99 -14.14 -2.25
N SER A 202 10.84 -15.23 -1.50
CA SER A 202 11.22 -16.55 -2.03
C SER A 202 10.39 -16.95 -3.24
N LYS A 203 9.21 -16.37 -3.41
CA LYS A 203 8.32 -16.65 -4.54
C LYS A 203 8.44 -15.60 -5.63
N GLY A 204 9.34 -14.65 -5.50
CA GLY A 204 9.52 -13.62 -6.49
C GLY A 204 8.51 -12.48 -6.42
N ILE A 205 7.76 -12.40 -5.34
CA ILE A 205 6.79 -11.34 -5.13
C ILE A 205 7.49 -10.21 -4.39
N VAL A 206 7.41 -9.00 -4.93
CA VAL A 206 8.00 -7.83 -4.28
C VAL A 206 7.08 -7.34 -3.18
N VAL A 207 7.66 -7.01 -2.03
CA VAL A 207 6.90 -6.51 -0.90
C VAL A 207 7.03 -4.99 -0.86
N THR A 208 5.88 -4.32 -0.72
CA THR A 208 5.83 -2.89 -0.42
C THR A 208 5.44 -2.71 1.04
N ALA A 209 6.23 -1.90 1.74
CA ALA A 209 6.01 -1.56 3.15
C ALA A 209 5.15 -0.30 3.24
N TYR A 210 3.97 -0.45 3.83
CA TYR A 210 3.11 0.67 4.13
C TYR A 210 3.25 1.07 5.61
N SER A 211 2.80 2.29 5.91
CA SER A 211 2.92 2.89 7.23
C SER A 211 4.36 2.79 7.76
N PRO A 212 5.37 3.14 6.94
CA PRO A 212 6.77 2.95 7.38
C PRO A 212 7.17 3.85 8.53
N LEU A 213 6.44 4.95 8.75
CA LEU A 213 6.70 5.86 9.85
C LEU A 213 5.79 5.57 11.03
N GLY A 214 5.01 4.48 10.98
CA GLY A 214 4.07 4.14 12.03
C GLY A 214 2.75 4.89 11.95
N SER A 215 2.44 5.54 10.84
CA SER A 215 1.15 6.18 10.64
C SER A 215 0.74 7.03 11.85
N PRO A 216 1.54 8.03 12.24
CA PRO A 216 1.16 8.81 13.42
C PRO A 216 -0.13 9.58 13.27
N ASP A 217 -0.61 9.81 12.04
CA ASP A 217 -1.86 10.47 11.77
C ASP A 217 -3.03 9.51 11.61
N ARG A 218 -2.84 8.22 11.87
N ARG A 218 -2.86 8.22 11.83
CA ARG A 218 -3.95 7.27 11.84
CA ARG A 218 -4.00 7.34 11.68
C ARG A 218 -5.09 7.80 12.71
C ARG A 218 -5.09 7.80 12.66
N PRO A 219 -6.36 7.69 12.28
CA PRO A 219 -7.42 8.32 13.06
C PRO A 219 -7.60 7.76 14.45
N TRP A 220 -7.18 6.52 14.69
CA TRP A 220 -7.36 5.82 15.95
C TRP A 220 -6.13 5.85 16.83
N ALA A 221 -5.16 6.70 16.52
CA ALA A 221 -3.99 6.85 17.38
C ALA A 221 -4.40 7.28 18.78
N LYS A 222 -3.68 6.79 19.78
CA LYS A 222 -3.84 7.19 21.17
C LYS A 222 -2.57 7.87 21.66
N PRO A 223 -2.66 8.81 22.60
CA PRO A 223 -1.44 9.49 23.08
C PRO A 223 -0.38 8.55 23.62
N GLU A 224 -0.77 7.42 24.20
CA GLU A 224 0.19 6.53 24.84
C GLU A 224 0.85 5.56 23.86
N ASP A 225 0.45 5.56 22.60
CA ASP A 225 0.92 4.54 21.67
C ASP A 225 2.42 4.69 21.41
N PRO A 226 3.09 3.61 21.03
CA PRO A 226 4.49 3.72 20.61
C PRO A 226 4.64 4.67 19.43
N SER A 227 5.79 5.32 19.36
CA SER A 227 6.08 6.32 18.33
C SER A 227 7.45 6.06 17.74
N LEU A 228 7.50 5.57 16.49
CA LEU A 228 8.77 5.38 15.81
C LEU A 228 9.54 6.67 15.68
N LEU A 229 8.87 7.75 15.25
CA LEU A 229 9.58 8.97 14.98
C LEU A 229 10.20 9.57 16.23
N GLU A 230 9.65 9.23 17.41
CA GLU A 230 10.15 9.74 18.67
C GLU A 230 10.99 8.72 19.45
N ASP A 231 11.25 7.56 18.88
CA ASP A 231 12.00 6.52 19.60
C ASP A 231 13.45 6.96 19.70
N PRO A 232 14.00 7.16 20.91
CA PRO A 232 15.36 7.70 21.01
C PRO A 232 16.40 6.80 20.40
N ARG A 233 16.14 5.51 20.32
CA ARG A 233 17.11 4.59 19.73
C ARG A 233 17.21 4.80 18.23
N ILE A 234 16.08 5.06 17.59
CA ILE A 234 16.08 5.34 16.16
C ILE A 234 16.64 6.73 15.89
N LYS A 235 16.28 7.69 16.73
CA LYS A 235 16.86 9.02 16.62
C LYS A 235 18.39 8.96 16.71
N ALA A 236 18.92 8.07 17.55
CA ALA A 236 20.38 7.96 17.69
C ALA A 236 21.04 7.44 16.42
N ILE A 237 20.42 6.44 15.78
CA ILE A 237 20.94 5.95 14.50
C ILE A 237 20.90 7.07 13.47
N ALA A 238 19.79 7.82 13.44
CA ALA A 238 19.69 8.94 12.51
C ALA A 238 20.79 9.98 12.77
N ALA A 239 21.01 10.33 14.04
CA ALA A 239 22.02 11.34 14.35
C ALA A 239 23.41 10.87 13.92
N LYS A 240 23.71 9.58 14.11
CA LYS A 240 25.01 9.04 13.72
CA LYS A 240 25.01 9.03 13.73
C LYS A 240 25.25 9.23 12.24
N HIS A 241 24.20 9.09 11.43
CA HIS A 241 24.27 9.21 9.99
C HIS A 241 23.99 10.63 9.49
N ASN A 242 23.77 11.59 10.38
CA ASN A 242 23.42 12.96 9.99
CA ASN A 242 23.43 12.96 9.99
C ASN A 242 22.19 13.00 9.08
N LYS A 243 21.18 12.22 9.43
N LYS A 243 21.17 12.23 9.45
CA LYS A 243 19.91 12.16 8.71
CA LYS A 243 19.92 12.14 8.72
C LYS A 243 18.79 12.39 9.72
C LYS A 243 18.76 12.27 9.72
N THR A 244 17.56 12.52 9.21
CA THR A 244 16.41 12.57 10.09
C THR A 244 15.93 11.15 10.44
N THR A 245 15.13 11.08 11.50
CA THR A 245 14.56 9.80 11.87
C THR A 245 13.70 9.24 10.74
N ALA A 246 12.90 10.09 10.09
CA ALA A 246 12.10 9.63 8.97
C ALA A 246 12.98 9.06 7.86
N GLN A 247 14.11 9.72 7.57
CA GLN A 247 15.00 9.22 6.53
C GLN A 247 15.54 7.83 6.86
N VAL A 248 15.87 7.58 8.13
CA VAL A 248 16.28 6.24 8.53
C VAL A 248 15.14 5.25 8.36
N LEU A 249 13.91 5.63 8.76
CA LEU A 249 12.76 4.75 8.66
C LEU A 249 12.41 4.43 7.21
N ILE A 250 12.74 5.31 6.27
CA ILE A 250 12.51 5.06 4.84
C ILE A 250 13.63 4.20 4.26
N ARG A 251 14.88 4.50 4.63
CA ARG A 251 16.02 3.74 4.10
C ARG A 251 15.99 2.28 4.57
N PHE A 252 15.51 2.05 5.79
CA PHE A 252 15.46 0.71 6.38
C PHE A 252 14.78 -0.30 5.45
N PRO A 253 13.51 -0.11 5.05
CA PRO A 253 12.90 -1.09 4.13
C PRO A 253 13.61 -1.16 2.79
N MET A 254 14.13 -0.02 2.29
CA MET A 254 14.84 -0.06 1.02
C MET A 254 15.96 -1.09 1.05
N GLN A 255 16.70 -1.15 2.15
CA GLN A 255 17.83 -2.07 2.25
C GLN A 255 17.41 -3.51 2.51
N ARG A 256 16.13 -3.77 2.74
CA ARG A 256 15.56 -5.11 2.81
C ARG A 256 15.01 -5.56 1.47
N ASN A 257 15.27 -4.78 0.42
CA ASN A 257 14.75 -5.05 -0.93
C ASN A 257 13.23 -4.87 -0.99
N LEU A 258 12.71 -3.98 -0.16
CA LEU A 258 11.30 -3.61 -0.19
C LEU A 258 11.12 -2.27 -0.91
N VAL A 259 9.91 -2.07 -1.41
CA VAL A 259 9.41 -0.77 -1.83
C VAL A 259 8.79 -0.11 -0.60
N VAL A 260 8.84 1.23 -0.51
CA VAL A 260 8.32 1.93 0.66
C VAL A 260 7.58 3.18 0.21
N ILE A 261 6.48 3.50 0.90
CA ILE A 261 5.54 4.54 0.46
C ILE A 261 5.15 5.51 1.58
N PRO A 262 6.11 6.24 2.14
CA PRO A 262 5.78 7.24 3.17
C PRO A 262 4.80 8.28 2.65
N LYS A 263 3.85 8.66 3.51
CA LYS A 263 2.89 9.71 3.20
C LYS A 263 3.31 11.03 3.83
N SER A 264 3.17 12.10 3.07
CA SER A 264 3.22 13.45 3.62
C SER A 264 2.44 14.37 2.71
N VAL A 265 1.84 15.40 3.31
CA VAL A 265 1.34 16.57 2.59
C VAL A 265 2.17 17.82 2.86
N THR A 266 3.28 17.69 3.58
CA THR A 266 4.11 18.85 3.93
C THR A 266 5.20 18.98 2.89
N PRO A 267 5.26 20.06 2.12
CA PRO A 267 6.25 20.13 1.04
C PRO A 267 7.68 19.87 1.47
N GLU A 268 8.11 20.46 2.59
N GLU A 268 8.11 20.42 2.60
CA GLU A 268 9.47 20.24 3.06
CA GLU A 268 9.50 20.23 3.00
C GLU A 268 9.73 18.77 3.31
C GLU A 268 9.77 18.78 3.39
N ARG A 269 8.78 18.08 3.96
CA ARG A 269 8.98 16.68 4.30
C ARG A 269 8.92 15.81 3.06
N ILE A 270 8.06 16.14 2.09
CA ILE A 270 8.05 15.40 0.84
C ILE A 270 9.44 15.40 0.23
N ALA A 271 10.07 16.59 0.16
CA ALA A 271 11.41 16.69 -0.41
C ALA A 271 12.45 15.97 0.44
N GLU A 272 12.40 16.15 1.77
CA GLU A 272 13.41 15.55 2.61
CA GLU A 272 13.33 15.53 2.73
C GLU A 272 13.30 14.02 2.61
N ASN A 273 12.09 13.49 2.57
CA ASN A 273 11.88 12.06 2.59
C ASN A 273 12.44 11.37 1.37
N PHE A 274 12.63 12.11 0.27
CA PHE A 274 13.20 11.54 -0.94
C PHE A 274 14.73 11.47 -0.88
N LYS A 275 15.35 12.17 0.07
CA LYS A 275 16.81 12.29 0.12
C LYS A 275 17.40 11.14 0.93
N VAL A 276 17.19 9.94 0.40
CA VAL A 276 17.54 8.70 1.08
C VAL A 276 18.37 7.76 0.20
N PHE A 277 18.89 8.30 -0.90
N PHE A 277 18.80 8.16 -0.98
CA PHE A 277 19.81 7.63 -1.82
CA PHE A 277 19.44 7.21 -1.89
C PHE A 277 21.24 8.12 -1.67
C PHE A 277 20.96 7.22 -1.78
N ASP A 278 21.55 8.80 -0.58
N ASP A 278 21.52 8.06 -0.88
CA ASP A 278 22.88 9.32 -0.33
CA ASP A 278 22.94 8.42 -0.87
C ASP A 278 23.51 8.70 0.91
C ASP A 278 23.64 8.19 0.47
N PHE A 279 22.98 7.57 1.43
CA PHE A 279 23.61 7.05 2.65
C PHE A 279 23.23 5.60 2.83
N GLU A 280 24.01 4.89 3.64
N GLU A 280 24.00 4.87 3.64
CA GLU A 280 23.82 3.49 3.90
CA GLU A 280 23.73 3.45 3.85
C GLU A 280 23.69 3.24 5.40
C GLU A 280 23.78 3.09 5.32
N LEU A 281 22.73 2.40 5.77
CA LEU A 281 22.71 1.80 7.09
C LEU A 281 23.62 0.57 7.08
N SER A 282 24.40 0.40 8.15
CA SER A 282 25.24 -0.80 8.23
C SER A 282 24.37 -2.04 8.50
N SER A 283 24.97 -3.22 8.30
N SER A 283 24.94 -3.24 8.33
CA SER A 283 24.32 -4.46 8.67
CA SER A 283 24.17 -4.43 8.68
C SER A 283 23.90 -4.43 10.15
C SER A 283 23.91 -4.49 10.18
N GLN A 284 24.81 -3.93 10.99
CA GLN A 284 24.55 -3.81 12.43
C GLN A 284 23.37 -2.86 12.68
N ASP A 285 23.31 -1.72 11.98
CA ASP A 285 22.16 -0.83 12.07
C ASP A 285 20.87 -1.56 11.70
N MET A 286 20.92 -2.32 10.59
CA MET A 286 19.74 -3.03 10.11
C MET A 286 19.24 -4.04 11.12
N THR A 287 20.16 -4.84 11.67
CA THR A 287 19.79 -5.82 12.68
C THR A 287 19.29 -5.15 13.95
N THR A 288 19.90 -4.02 14.32
CA THR A 288 19.42 -3.29 15.48
C THR A 288 17.99 -2.79 15.26
N LEU A 289 17.71 -2.20 14.09
CA LEU A 289 16.34 -1.77 13.80
C LEU A 289 15.37 -2.94 13.82
N LEU A 290 15.77 -4.08 13.26
CA LEU A 290 14.92 -5.27 13.28
C LEU A 290 14.61 -5.70 14.70
N SER A 291 15.55 -5.47 15.62
CA SER A 291 15.39 -5.92 17.00
C SER A 291 14.26 -5.22 17.73
N TYR A 292 13.76 -4.12 17.18
CA TYR A 292 12.71 -3.34 17.83
C TYR A 292 11.32 -3.91 17.61
N ASN A 293 11.21 -5.01 16.87
CA ASN A 293 9.90 -5.60 16.59
C ASN A 293 9.14 -5.86 17.88
N ARG A 294 7.87 -5.45 17.89
N ARG A 294 7.87 -5.49 17.90
CA ARG A 294 6.95 -5.72 18.99
CA ARG A 294 6.99 -5.88 19.00
C ARG A 294 5.62 -6.27 18.48
C ARG A 294 5.67 -6.43 18.50
N ASN A 295 5.56 -6.68 17.21
CA ASN A 295 4.30 -7.14 16.61
C ASN A 295 3.17 -6.13 16.80
N TRP A 296 3.54 -4.84 16.73
N TRP A 296 3.45 -4.86 16.53
CA TRP A 296 2.63 -3.73 16.96
CA TRP A 296 2.46 -3.79 16.65
C TRP A 296 2.03 -3.36 15.63
C TRP A 296 1.96 -3.32 15.29
N ARG A 297 0.80 -3.81 15.42
N ARG A 297 0.63 -3.25 15.12
CA ARG A 297 0.09 -3.63 14.18
CA ARG A 297 -0.01 -2.94 13.84
C ARG A 297 -0.89 -2.49 14.35
C ARG A 297 -0.79 -1.63 13.90
N VAL A 298 -0.79 -1.47 13.49
N VAL A 298 -0.46 -0.73 12.98
CA VAL A 298 -1.69 -0.34 13.54
CA VAL A 298 -1.33 0.39 12.64
C VAL A 298 -2.88 -0.44 12.60
C VAL A 298 -2.68 -0.11 12.15
N CYS A 299 -2.80 -1.22 11.52
N CYS A 299 -2.68 -1.13 11.28
CA CYS A 299 -3.83 -1.16 10.49
CA CYS A 299 -3.88 -1.59 10.59
C CYS A 299 -4.60 -2.48 10.39
C CYS A 299 -4.16 -3.05 10.93
N ALA A 300 -5.82 -2.45 10.90
N ALA A 300 -5.08 -3.27 11.89
CA ALA A 300 -6.77 -3.55 10.85
CA ALA A 300 -5.45 -4.61 12.32
C ALA A 300 -8.11 -2.97 11.30
C ALA A 300 -6.82 -5.06 11.82
N ALA A 301 -9.21 -3.67 11.02
N ALA A 301 -7.56 -4.20 11.13
CA ALA A 301 -10.54 -3.18 11.37
CA ALA A 301 -8.88 -4.55 10.58
C ALA A 301 -11.24 -4.18 12.30
C ALA A 301 -9.78 -5.17 11.65
N LEU A 302 -11.63 -3.70 13.48
N LEU A 302 -9.92 -4.44 12.76
CA LEU A 302 -12.36 -4.52 14.44
CA LEU A 302 -10.61 -4.98 13.93
C LEU A 302 -13.61 -5.12 13.81
C LEU A 302 -12.09 -5.29 13.67
N SER A 303 -14.28 -4.38 12.94
N SER A 303 -12.73 -4.59 12.72
CA SER A 303 -15.50 -4.85 12.33
CA SER A 303 -14.13 -4.85 12.40
C SER A 303 -15.30 -6.09 11.47
C SER A 303 -14.30 -6.10 11.56
N CYS A 304 -14.05 -6.45 11.12
N CYS A 304 -13.26 -6.54 10.89
CA CYS A 304 -13.72 -7.56 10.21
CA CYS A 304 -13.32 -7.74 10.07
C CYS A 304 -13.11 -8.81 10.86
C CYS A 304 -12.94 -8.96 10.86
N THR A 305 -12.93 -8.86 12.19
CA THR A 305 -12.21 -9.93 12.84
C THR A 305 -12.93 -11.29 12.80
N SER A 306 -14.19 -11.37 12.40
CA SER A 306 -14.85 -12.66 12.18
C SER A 306 -15.06 -12.98 10.71
N HIS A 307 -14.60 -12.14 9.80
CA HIS A 307 -14.71 -12.45 8.38
C HIS A 307 -13.87 -13.70 8.09
N LYS A 308 -14.37 -14.58 7.22
CA LYS A 308 -13.64 -15.82 6.96
C LYS A 308 -12.24 -15.58 6.43
N ASP A 309 -12.02 -14.48 5.72
CA ASP A 309 -10.73 -14.16 5.12
C ASP A 309 -9.95 -13.09 5.91
N TYR A 310 -10.33 -12.82 7.15
CA TYR A 310 -9.55 -11.91 7.96
C TYR A 310 -8.09 -12.38 7.99
N PRO A 311 -7.12 -11.50 7.70
CA PRO A 311 -5.76 -12.00 7.45
C PRO A 311 -4.90 -12.20 8.68
N PHE A 312 -5.27 -11.63 9.84
CA PHE A 312 -4.30 -11.49 10.92
C PHE A 312 -4.54 -12.43 12.10
N HIS A 313 -5.40 -13.46 11.95
CA HIS A 313 -5.42 -14.53 12.92
C HIS A 313 -4.19 -15.41 12.78
N GLU A 314 -3.80 -15.69 11.54
CA GLU A 314 -2.59 -16.47 11.29
C GLU A 314 -1.38 -15.72 11.83
N GLU A 315 -0.37 -16.48 12.25
CA GLU A 315 0.85 -15.84 12.71
C GLU A 315 1.44 -14.94 11.64
N PHE A 316 1.47 -15.40 10.39
CA PHE A 316 1.98 -14.60 9.29
C PHE A 316 1.39 -15.05 7.97
C1 CIT B . -12.54 12.19 -4.83
O1 CIT B . -12.35 13.38 -4.51
O2 CIT B . -11.69 11.52 -5.42
C2 CIT B . -13.88 11.61 -4.45
C3 CIT B . -14.72 11.28 -5.66
O7 CIT B . -14.73 12.39 -6.60
C4 CIT B . -16.13 10.95 -5.18
C5 CIT B . -17.12 10.82 -6.32
O3 CIT B . -18.20 11.47 -6.33
O4 CIT B . -16.87 10.03 -7.25
C6 CIT B . -14.12 10.08 -6.38
O5 CIT B . -13.99 8.97 -5.83
O6 CIT B . -13.72 10.25 -7.57
C3 4G7 C . -8.29 -1.31 7.64
C4 4G7 C . -9.12 -2.39 6.99
C5 4G7 C . -9.11 -3.66 7.54
C6 4G7 C . -9.84 -4.70 6.97
C11 4G7 C . -10.60 -3.18 5.26
C12 4G7 C . -9.87 -2.15 5.85
C19 4G7 C . -9.24 0.88 7.28
C19 4G7 C . -9.43 1.17 7.19
O20 4G7 C . -10.03 0.71 8.20
O20 4G7 C . -8.75 0.14 7.09
C21 4G7 C . -9.30 2.12 6.41
C21 4G7 C . -9.33 2.26 6.15
C24 4G7 C . -10.72 3.70 5.26
C24 4G7 C . -10.47 3.97 4.87
C30 4G7 C . -8.19 2.67 5.74
C30 4G7 C . -8.13 2.68 5.57
C32 4G7 C . -5.92 2.26 5.19
C32 4G7 C . -5.77 2.60 5.48
C33 4G7 C . -6.16 1.25 4.10
C33 4G7 C . -5.46 2.15 4.07
N1 4G7 C . -8.32 -0.03 6.95
N1 4G7 C . -10.26 1.38 8.21
C10 4G7 C . -10.59 -4.44 5.83
C22 4G7 C . -10.56 2.68 6.17
C22 4G7 C . -10.50 2.92 5.77
C26 4G7 C . -9.60 4.16 4.59
C26 4G7 C . -9.26 4.36 4.36
F27 4G7 C . -9.76 5.14 3.66
F27 4G7 C . -9.21 5.46 3.55
C28 4G7 C . -8.33 3.68 4.81
C28 4G7 C . -8.08 3.74 4.67
O31 4G7 C . -6.97 2.18 6.16
O31 4G7 C . -6.99 2.01 5.94
O34 4G7 C . -5.38 1.42 3.05
O34 4G7 C . -4.43 2.76 3.60
O35 4G7 C . -6.89 0.29 4.27
O35 4G7 C . -6.06 1.27 3.50
C1 4G7 C . -9.75 -6.04 7.60
O1 4G7 C . -10.19 -7.07 6.90
O2 4G7 C . -9.34 -6.16 8.75
C1 2WR D . -8.63 0.73 15.39
C2 2WR D . -7.67 0.25 16.30
C3 2WR D . -6.54 -0.67 15.96
N4 2WR D . -6.44 -1.07 14.69
O7 2WR D . -5.74 -1.02 16.83
C8 2WR D . -7.78 0.66 17.63
C10 2WR D . -8.81 1.49 18.04
C12 2WR D . -9.72 1.90 17.11
F13 2WR D . -10.73 2.71 17.52
C14 2WR D . -9.66 1.55 15.79
O16 2WR D . -8.47 0.32 14.09
C17 2WR D . -9.46 0.70 13.16
C18 2WR D . -10.72 -0.09 13.36
O19 2WR D . -11.64 0.24 12.50
O21 2WR D . -10.87 -0.95 14.22
PA NAP E . 3.16 6.88 7.33
O1A NAP E . 3.61 7.13 5.95
O2A NAP E . 3.83 5.86 8.18
O5B NAP E . 3.11 8.21 8.21
C5B NAP E . 2.47 9.39 7.69
C4B NAP E . 2.56 10.44 8.76
O4B NAP E . 3.95 10.78 8.97
C3B NAP E . 1.84 11.76 8.46
O3B NAP E . 1.23 12.22 9.65
C2B NAP E . 2.98 12.67 8.02
O2B NAP E . 2.73 14.06 8.32
C1B NAP E . 4.13 12.17 8.87
N9A NAP E . 5.45 12.43 8.31
C8A NAP E . 5.85 12.19 7.03
N7A NAP E . 7.11 12.50 6.80
C5A NAP E . 7.57 12.96 8.03
C6A NAP E . 8.79 13.49 8.43
N6A NAP E . 9.84 13.62 7.61
N1A NAP E . 8.91 13.92 9.71
C2A NAP E . 7.85 13.80 10.52
N3A NAP E . 6.64 13.31 10.25
C4A NAP E . 6.56 12.92 8.97
O3 NAP E . 1.60 6.50 7.33
PN NAP E . 0.48 5.92 6.34
O1N NAP E . -0.37 5.02 7.15
O2N NAP E . -0.15 7.05 5.59
O5D NAP E . 1.27 4.94 5.34
C5D NAP E . 1.85 5.40 4.11
C4D NAP E . 0.96 5.04 2.94
O4D NAP E . 0.84 3.60 2.81
C3D NAP E . -0.48 5.50 3.00
O3D NAP E . -0.65 6.90 2.83
C2D NAP E . -1.11 4.65 1.91
O2D NAP E . -0.74 5.20 0.65
C1D NAP E . -0.40 3.30 2.19
N1N NAP E . -1.18 2.40 3.10
C2N NAP E . -1.76 1.31 2.55
C3N NAP E . -2.51 0.45 3.34
C7N NAP E . -3.10 -0.82 2.76
O7N NAP E . -3.98 -1.42 3.39
N7N NAP E . -2.60 -1.26 1.61
C4N NAP E . -2.70 0.76 4.67
C5N NAP E . -2.07 1.86 5.23
C6N NAP E . -1.28 2.67 4.42
P2B NAP E . 2.31 15.15 7.21
O1X NAP E . 3.61 15.75 6.74
O2X NAP E . 1.50 16.14 8.05
O3X NAP E . 1.54 14.46 6.13
H51A NAP E . 2.96 9.74 6.78
H52A NAP E . 1.42 9.19 7.46
H4B NAP E . 2.20 10.05 9.71
H3B NAP E . 1.12 11.67 7.63
HO3A NAP E . 0.87 13.12 9.45
H2B NAP E . 3.16 12.65 6.94
H1B NAP E . 4.13 12.61 9.87
H8A NAP E . 5.19 11.79 6.27
H61A NAP E . 10.72 14.01 7.94
H62A NAP E . 9.78 13.34 6.63
H2A NAP E . 8.01 14.15 11.54
H51N NAP E . 1.99 6.48 4.17
H52N NAP E . 2.84 4.96 4.00
H4D NAP E . 1.48 5.42 2.06
H3D NAP E . -0.94 5.28 3.97
HO3N NAP E . -0.71 7.31 3.73
H2D NAP E . -2.19 4.55 1.88
HO2N NAP E . -1.20 4.71 -0.09
H1D NAP E . -0.14 2.75 1.28
H2N NAP E . -1.60 1.13 1.49
H71N NAP E . -1.86 -0.80 1.09
H72N NAP E . -2.91 -2.11 1.14
H4N NAP E . -3.34 0.12 5.29
H5N NAP E . -2.19 2.08 6.28
H6N NAP E . -0.76 3.53 4.85
HOP2 NAP E . 0.85 16.72 7.57
H16 NAP E . 4.49 7.57 5.83
H19 NAP E . 3.62 16.49 6.07
#